data_7VTZ
#
_entry.id   7VTZ
#
_cell.length_a   66.913
_cell.length_b   58.673
_cell.length_c   95.028
_cell.angle_alpha   90.000
_cell.angle_beta   110.384
_cell.angle_gamma   90.000
#
_symmetry.space_group_name_H-M   'P 1 21 1'
#
loop_
_entity.id
_entity.type
_entity.pdbx_description
1 polymer Chitoporin
2 non-polymer 'PLATINUM (II) ION'
3 non-polymer DODECYL-BETA-D-MALTOSIDE
4 water water
#
_entity_poly.entity_id   1
_entity_poly.type   'polypeptide(L)'
_entity_poly.pdbx_seq_one_letter_code
;EGFIDDSTLTGGIYYWQRERDRKDVTDGDKYKTNLSHSTWNANLDFQSGYAADMFGLDIAAFTAIEMAENGDSSHPNEIA
FSKSNKAYDEDWSGDKSGISLYKAAAKFKYGPVWARAGYIQPTGQTLLAPHWSFMPGTYQGAEAGANFDYGDAGALSFSY
MWTNEYKAPWHLEMDEFYQNDKTTKVDYLHSFGAKYDFKNNFVLEAAFGQAEGYIDQYFAKASYKFDIAGSPLTTSYQFY
GTRDKVDDRSVNDLYDGTAWLQALTFGYRAADVVDLRLEGTWVKADGQQGYFLQRMTPTYASSNGRLDIWWDNRSDFNAN
GEKAVFFGAMYDLKNWNLPGFAIGASYVYAWDAKPATWQSNPDAYYDKNRTIEESAYSLDAVYTIQDGRAKGTMFKLHFT
EYDNHSDIPSWGGGYGNIFQDERDVKFMVIAPFTIFHHHHHH
;
_entity_poly.pdbx_strand_id   A
#
loop_
_chem_comp.id
_chem_comp.type
_chem_comp.name
_chem_comp.formula
LMT D-saccharide DODECYL-BETA-D-MALTOSIDE 'C24 H46 O11'
PT non-polymer 'PLATINUM (II) ION' 'Pt 2'
#
# COMPACT_ATOMS: atom_id res chain seq x y z
N GLY A 2 -24.43 26.11 0.22
CA GLY A 2 -23.58 27.29 0.19
C GLY A 2 -22.11 26.97 0.01
N PHE A 3 -21.25 27.91 0.38
CA PHE A 3 -19.81 27.75 0.20
C PHE A 3 -19.17 27.13 1.44
N ILE A 4 -18.14 27.76 2.03
CA ILE A 4 -17.25 27.06 2.95
C ILE A 4 -18.00 26.49 4.15
N ASP A 5 -19.27 26.82 4.33
CA ASP A 5 -20.13 26.13 5.30
C ASP A 5 -21.01 25.08 4.63
N ASP A 6 -20.51 24.56 3.51
CA ASP A 6 -20.75 23.20 3.05
C ASP A 6 -19.80 22.20 3.73
N SER A 7 -19.32 22.53 4.92
CA SER A 7 -18.25 21.80 5.57
C SER A 7 -18.73 20.46 6.11
N THR A 8 -17.75 19.60 6.37
CA THR A 8 -18.02 18.33 7.00
C THR A 8 -16.93 18.07 8.05
N LEU A 9 -17.31 17.34 9.09
CA LEU A 9 -16.38 16.95 10.15
C LEU A 9 -16.69 15.50 10.49
N THR A 10 -15.74 14.61 10.25
CA THR A 10 -15.94 13.18 10.46
C THR A 10 -14.75 12.60 11.22
N GLY A 11 -14.81 11.30 11.46
CA GLY A 11 -13.73 10.66 12.19
C GLY A 11 -14.08 9.23 12.51
N GLY A 12 -13.33 8.64 13.44
CA GLY A 12 -13.56 7.26 13.81
C GLY A 12 -12.67 6.85 14.95
N ILE A 13 -12.93 5.65 15.46
CA ILE A 13 -12.13 5.02 16.50
C ILE A 13 -11.79 3.63 16.04
N TYR A 14 -10.55 3.23 16.19
CA TYR A 14 -10.07 1.99 15.61
C TYR A 14 -9.33 1.19 16.65
N TYR A 15 -9.52 -0.12 16.62
CA TYR A 15 -8.84 -1.03 17.52
C TYR A 15 -8.11 -2.07 16.70
N TRP A 16 -6.88 -2.35 17.11
CA TRP A 16 -6.05 -3.28 16.37
C TRP A 16 -5.32 -4.18 17.37
N GLN A 17 -5.47 -5.49 17.19
CA GLN A 17 -4.83 -6.48 18.04
C GLN A 17 -4.20 -7.52 17.15
N ARG A 18 -2.89 -7.75 17.32
CA ARG A 18 -2.13 -8.60 16.42
C ARG A 18 -1.21 -9.56 17.18
N GLU A 19 -1.09 -10.78 16.68
CA GLU A 19 -0.06 -11.75 17.10
C GLU A 19 0.51 -12.39 15.85
N ARG A 20 1.82 -12.19 15.62
CA ARG A 20 2.51 -12.75 14.47
C ARG A 20 3.85 -13.32 14.92
N ASP A 21 4.14 -14.56 14.50
CA ASP A 21 5.40 -15.20 14.80
C ASP A 21 6.05 -15.69 13.51
N ARG A 22 7.36 -15.94 13.59
CA ARG A 22 8.19 -16.21 12.41
C ARG A 22 9.25 -17.26 12.74
N LYS A 23 9.54 -18.11 11.75
CA LYS A 23 10.51 -19.18 11.93
C LYS A 23 11.92 -18.61 11.87
N ASP A 24 12.77 -19.02 12.82
CA ASP A 24 14.17 -18.60 12.90
C ASP A 24 15.02 -19.79 12.52
N VAL A 25 15.44 -19.85 11.26
CA VAL A 25 16.24 -20.98 10.80
C VAL A 25 17.59 -21.08 11.51
N THR A 26 18.10 -19.97 12.03
CA THR A 26 19.42 -19.94 12.66
C THR A 26 19.40 -20.30 14.14
N ASP A 27 18.23 -20.51 14.73
CA ASP A 27 18.09 -20.89 16.13
C ASP A 27 17.24 -22.15 16.26
N GLY A 28 17.50 -23.13 15.41
CA GLY A 28 16.81 -24.41 15.50
C GLY A 28 15.39 -24.39 15.01
N ASP A 29 15.08 -23.58 14.01
CA ASP A 29 13.75 -23.55 13.40
C ASP A 29 12.64 -23.17 14.39
N LYS A 30 12.99 -22.47 15.47
CA LYS A 30 11.99 -21.98 16.40
C LYS A 30 11.11 -20.91 15.74
N TYR A 31 9.80 -21.11 15.78
CA TYR A 31 8.88 -20.01 15.51
C TYR A 31 8.92 -19.06 16.70
N LYS A 32 9.24 -17.78 16.48
CA LYS A 32 9.35 -16.84 17.60
C LYS A 32 8.44 -15.64 17.44
N THR A 33 8.11 -15.04 18.57
CA THR A 33 7.30 -13.82 18.63
C THR A 33 7.94 -12.71 17.81
N ASN A 34 7.22 -12.27 16.77
CA ASN A 34 7.63 -11.17 15.90
C ASN A 34 6.84 -9.90 16.15
N LEU A 35 5.51 -10.00 16.17
CA LEU A 35 4.62 -8.89 16.53
C LEU A 35 3.60 -9.40 17.53
N SER A 36 3.36 -8.60 18.57
CA SER A 36 2.33 -8.92 19.55
C SER A 36 2.01 -7.60 20.27
N HIS A 37 0.86 -7.02 19.93
CA HIS A 37 0.47 -5.72 20.48
C HIS A 37 -1.03 -5.51 20.28
N SER A 38 -1.53 -4.51 20.99
CA SER A 38 -2.90 -4.05 20.85
C SER A 38 -2.87 -2.53 20.98
N THR A 39 -3.35 -1.84 19.95
CA THR A 39 -3.19 -0.39 19.78
C THR A 39 -4.53 0.23 19.41
N TRP A 40 -4.74 1.46 19.85
CA TRP A 40 -5.91 2.22 19.47
C TRP A 40 -5.53 3.33 18.49
N ASN A 41 -6.45 3.65 17.58
CA ASN A 41 -6.33 4.82 16.72
C ASN A 41 -7.63 5.61 16.81
N ALA A 42 -7.54 6.91 16.61
CA ALA A 42 -8.76 7.71 16.46
C ALA A 42 -8.40 8.96 15.68
N ASN A 43 -9.30 9.39 14.77
CA ASN A 43 -9.00 10.56 13.96
C ASN A 43 -10.19 11.52 13.88
N LEU A 44 -9.91 12.74 13.42
CA LEU A 44 -10.90 13.78 13.17
C LEU A 44 -10.53 14.47 11.86
N ASP A 45 -11.52 14.67 10.99
CA ASP A 45 -11.24 15.13 9.64
C ASP A 45 -12.22 16.23 9.28
N PHE A 46 -11.71 17.45 9.15
CA PHE A 46 -12.53 18.60 8.74
C PHE A 46 -12.26 18.92 7.28
N GLN A 47 -13.32 18.99 6.48
CA GLN A 47 -13.24 19.39 5.09
C GLN A 47 -14.26 20.47 4.82
N SER A 48 -13.80 21.63 4.37
CA SER A 48 -14.67 22.77 4.13
C SER A 48 -15.37 22.65 2.77
N GLY A 49 -16.44 23.42 2.61
CA GLY A 49 -16.95 23.70 1.28
C GLY A 49 -16.00 24.64 0.58
N TYR A 50 -16.37 25.03 -0.64
CA TYR A 50 -15.60 25.99 -1.41
C TYR A 50 -16.29 27.35 -1.38
N ALA A 51 -15.58 28.35 -0.86
CA ALA A 51 -16.08 29.73 -0.90
C ALA A 51 -16.03 30.27 -2.32
N ALA A 52 -17.13 30.83 -2.79
CA ALA A 52 -17.26 31.25 -4.18
C ALA A 52 -17.04 30.08 -5.14
N ASP A 53 -17.26 28.87 -4.65
CA ASP A 53 -16.89 27.63 -5.34
C ASP A 53 -15.42 27.59 -5.80
N MET A 54 -14.53 28.26 -5.06
CA MET A 54 -13.12 28.30 -5.48
C MET A 54 -12.07 28.12 -4.37
N PHE A 55 -12.39 28.32 -3.10
CA PHE A 55 -11.36 28.28 -2.06
C PHE A 55 -11.82 27.45 -0.87
N GLY A 56 -10.96 26.52 -0.42
CA GLY A 56 -11.31 25.68 0.70
C GLY A 56 -10.12 25.35 1.57
N LEU A 57 -10.41 24.69 2.68
CA LEU A 57 -9.43 24.31 3.69
C LEU A 57 -9.75 22.91 4.16
N ASP A 58 -8.73 22.07 4.28
CA ASP A 58 -8.85 20.75 4.91
C ASP A 58 -7.84 20.65 6.05
N ILE A 59 -8.30 20.14 7.19
CA ILE A 59 -7.44 19.91 8.36
C ILE A 59 -7.88 18.60 8.98
N ALA A 60 -6.93 17.73 9.28
CA ALA A 60 -7.23 16.46 9.94
C ALA A 60 -6.06 16.04 10.80
N ALA A 61 -6.37 15.31 11.87
CA ALA A 61 -5.35 14.81 12.78
C ALA A 61 -5.79 13.47 13.35
N PHE A 62 -4.83 12.66 13.74
CA PHE A 62 -5.16 11.37 14.35
C PHE A 62 -4.17 11.11 15.46
N THR A 63 -4.51 10.13 16.28
CA THR A 63 -3.72 9.83 17.45
C THR A 63 -3.65 8.32 17.57
N ALA A 64 -2.51 7.84 18.03
CA ALA A 64 -2.30 6.43 18.34
C ALA A 64 -2.01 6.32 19.83
N ILE A 65 -2.60 5.31 20.46
CA ILE A 65 -2.45 5.10 21.90
C ILE A 65 -2.26 3.60 22.13
N GLU A 66 -1.05 3.21 22.52
CA GLU A 66 -0.77 1.81 22.78
C GLU A 66 -1.51 1.35 24.02
N MET A 67 -2.00 0.12 24.00
CA MET A 67 -2.49 -0.54 25.19
C MET A 67 -1.54 -1.63 25.65
N ALA A 68 -1.31 -2.62 24.82
CA ALA A 68 -0.50 -3.77 25.17
C ALA A 68 0.62 -3.95 24.17
N GLU A 69 1.74 -4.48 24.65
CA GLU A 69 2.87 -4.79 23.78
C GLU A 69 3.69 -5.89 24.43
N ASN A 70 4.02 -6.92 23.67
CA ASN A 70 4.91 -7.94 24.21
C ASN A 70 6.36 -7.47 24.15
N GLY A 71 7.17 -7.98 25.09
CA GLY A 71 8.55 -7.56 25.14
C GLY A 71 9.32 -7.91 23.88
N ASP A 72 8.98 -9.04 23.27
CA ASP A 72 9.73 -9.54 22.13
C ASP A 72 9.14 -9.06 20.82
N SER A 73 8.18 -8.16 20.86
CA SER A 73 7.62 -7.59 19.65
C SER A 73 8.67 -6.69 18.98
N SER A 74 8.78 -6.82 17.65
CA SER A 74 9.67 -5.97 16.88
C SER A 74 8.97 -4.66 16.52
N HIS A 75 9.73 -3.71 15.98
CA HIS A 75 9.22 -2.37 15.70
C HIS A 75 9.78 -1.90 14.36
N PRO A 76 9.08 -0.96 13.70
CA PRO A 76 7.78 -0.46 14.14
C PRO A 76 6.61 -1.33 13.67
N ASN A 77 5.52 -1.41 14.45
CA ASN A 77 4.37 -2.22 14.08
C ASN A 77 3.44 -1.54 13.09
N GLU A 78 3.65 -0.25 12.81
CA GLU A 78 3.01 0.55 11.77
C GLU A 78 1.62 1.02 12.17
N ILE A 79 1.07 0.58 13.30
CA ILE A 79 -0.19 1.11 13.82
C ILE A 79 0.06 2.17 14.87
N ALA A 80 0.98 1.90 15.80
CA ALA A 80 1.44 2.95 16.70
C ALA A 80 2.43 3.82 15.92
N PHE A 81 2.93 4.86 16.56
CA PHE A 81 3.99 5.66 15.98
C PHE A 81 5.33 5.02 16.33
N SER A 82 6.24 5.03 15.38
CA SER A 82 7.55 4.49 15.70
C SER A 82 8.25 5.44 16.65
N LYS A 83 9.07 4.86 17.54
CA LYS A 83 9.82 5.68 18.49
C LYS A 83 10.71 6.67 17.77
N SER A 84 11.13 6.35 16.54
CA SER A 84 11.91 7.26 15.70
C SER A 84 10.97 8.16 14.90
N ASN A 85 11.05 9.47 15.16
CA ASN A 85 10.10 10.40 14.56
C ASN A 85 10.32 10.51 13.06
N LYS A 86 11.57 10.48 12.62
CA LYS A 86 11.93 10.64 11.20
C LYS A 86 12.31 9.29 10.60
N ALA A 87 11.78 9.00 9.41
CA ALA A 87 12.01 7.69 8.80
C ALA A 87 13.49 7.39 8.64
N TYR A 88 14.28 8.38 8.24
CA TYR A 88 15.69 8.09 8.02
C TYR A 88 16.47 7.99 9.32
N ASP A 89 15.84 8.22 10.45
CA ASP A 89 16.44 7.95 11.74
C ASP A 89 16.06 6.58 12.28
N GLU A 90 15.16 5.85 11.62
CA GLU A 90 14.64 4.60 12.14
C GLU A 90 15.74 3.70 12.66
N ASP A 91 15.63 3.27 13.92
CA ASP A 91 16.55 2.26 14.43
C ASP A 91 15.83 1.08 15.07
N TRP A 92 14.56 0.87 14.76
CA TRP A 92 13.91 -0.41 14.99
C TRP A 92 13.78 -0.76 16.45
N SER A 93 13.83 0.20 17.37
CA SER A 93 13.88 -0.15 18.78
C SER A 93 12.62 0.22 19.56
N GLY A 94 11.59 0.75 18.94
CA GLY A 94 10.40 0.98 19.75
C GLY A 94 9.23 1.55 18.98
N ASP A 95 8.12 1.63 19.72
CA ASP A 95 6.89 2.26 19.29
C ASP A 95 6.46 3.24 20.37
N LYS A 96 5.59 4.18 20.03
CA LYS A 96 5.11 5.10 21.06
C LYS A 96 3.77 5.72 20.65
N SER A 97 3.12 6.34 21.61
CA SER A 97 1.85 7.03 21.39
C SER A 97 2.07 8.45 20.90
N GLY A 98 1.06 9.02 20.26
CA GLY A 98 1.21 10.40 19.85
C GLY A 98 0.02 10.92 19.08
N ILE A 99 0.18 12.16 18.59
CA ILE A 99 -0.82 12.88 17.81
C ILE A 99 -0.12 13.42 16.57
N SER A 100 -0.69 13.14 15.40
CA SER A 100 -0.11 13.56 14.12
C SER A 100 -1.13 14.29 13.27
N LEU A 101 -0.75 15.46 12.78
CA LEU A 101 -1.51 16.23 11.79
C LEU A 101 -1.27 15.64 10.41
N TYR A 102 -2.28 14.95 9.86
CA TYR A 102 -2.05 14.22 8.59
C TYR A 102 -2.68 14.89 7.38
N LYS A 103 -3.49 15.93 7.57
CA LYS A 103 -4.01 16.77 6.49
C LYS A 103 -3.94 18.23 6.92
N ALA A 104 -3.55 19.09 5.98
CA ALA A 104 -3.39 20.49 6.30
C ALA A 104 -3.19 21.26 4.99
N ALA A 105 -4.27 21.49 4.28
CA ALA A 105 -4.20 21.85 2.88
C ALA A 105 -5.19 22.94 2.50
N ALA A 106 -4.72 23.87 1.67
CA ALA A 106 -5.63 24.73 0.90
C ALA A 106 -5.99 24.03 -0.39
N LYS A 107 -7.27 24.10 -0.75
CA LYS A 107 -7.79 23.48 -1.97
C LYS A 107 -8.44 24.53 -2.87
N PHE A 108 -8.23 24.40 -4.18
CA PHE A 108 -8.68 25.40 -5.13
C PHE A 108 -9.40 24.75 -6.30
N LYS A 109 -10.35 25.51 -6.86
CA LYS A 109 -11.12 25.05 -8.00
C LYS A 109 -11.34 26.25 -8.92
N TYR A 110 -11.01 26.09 -10.20
CA TYR A 110 -11.32 27.13 -11.18
C TYR A 110 -11.61 26.43 -12.51
N GLY A 111 -12.89 26.39 -12.88
CA GLY A 111 -13.30 25.77 -14.11
C GLY A 111 -13.20 24.26 -14.02
N PRO A 112 -12.51 23.67 -14.99
CA PRO A 112 -12.21 22.23 -14.91
C PRO A 112 -10.93 21.94 -14.15
N VAL A 113 -10.25 22.98 -13.59
CA VAL A 113 -8.95 22.85 -12.94
C VAL A 113 -9.12 22.83 -11.43
N TRP A 114 -8.21 22.12 -10.75
CA TRP A 114 -8.25 22.01 -9.29
C TRP A 114 -6.82 21.87 -8.78
N ALA A 115 -6.61 22.22 -7.51
CA ALA A 115 -5.27 22.10 -6.92
C ALA A 115 -5.40 21.90 -5.42
N ARG A 116 -4.37 21.29 -4.83
CA ARG A 116 -4.27 21.17 -3.39
C ARG A 116 -2.82 21.40 -3.03
N ALA A 117 -2.58 22.11 -1.94
CA ALA A 117 -1.21 22.39 -1.52
C ALA A 117 -1.15 22.39 0.00
N GLY A 118 -0.11 21.76 0.54
CA GLY A 118 0.11 21.76 1.98
C GLY A 118 0.57 20.42 2.48
N TYR A 119 -0.09 19.91 3.51
CA TYR A 119 0.04 18.53 3.95
C TYR A 119 -1.07 17.75 3.25
N ILE A 120 -0.71 16.95 2.25
CA ILE A 120 -1.72 16.37 1.36
C ILE A 120 -1.44 14.89 1.11
N GLN A 121 -2.47 14.21 0.68
CA GLN A 121 -2.30 12.91 0.05
C GLN A 121 -2.47 13.07 -1.45
N PRO A 122 -1.85 12.21 -2.26
CA PRO A 122 -2.16 12.20 -3.69
C PRO A 122 -3.60 11.81 -3.90
N THR A 123 -4.32 12.59 -4.70
CA THR A 123 -5.70 12.27 -5.02
C THR A 123 -6.00 12.18 -6.50
N GLY A 124 -5.11 12.66 -7.37
CA GLY A 124 -5.37 12.63 -8.79
C GLY A 124 -4.91 11.38 -9.53
N GLN A 125 -4.26 11.57 -10.68
CA GLN A 125 -3.90 10.51 -11.61
C GLN A 125 -2.42 10.11 -11.58
N THR A 126 -1.62 10.64 -10.65
CA THR A 126 -0.20 10.30 -10.64
C THR A 126 0.02 8.93 -9.98
N LEU A 127 1.27 8.47 -10.01
CA LEU A 127 1.63 7.20 -9.37
C LEU A 127 2.18 7.39 -7.97
N LEU A 128 2.20 8.62 -7.46
CA LEU A 128 2.56 8.82 -6.08
C LEU A 128 1.41 8.37 -5.19
N ALA A 129 1.74 7.86 -4.01
CA ALA A 129 0.71 7.35 -3.12
C ALA A 129 1.24 7.43 -1.69
N PRO A 130 0.34 7.44 -0.71
CA PRO A 130 0.76 7.27 0.69
C PRO A 130 0.78 5.80 1.10
N HIS A 131 1.47 5.54 2.20
CA HIS A 131 1.22 4.29 2.92
C HIS A 131 -0.15 4.39 3.60
N TRP A 132 -0.80 3.25 3.78
CA TRP A 132 -2.06 3.20 4.51
C TRP A 132 -1.93 2.27 5.70
N SER A 133 -2.10 2.82 6.90
CA SER A 133 -2.48 2.06 8.08
C SER A 133 -4.00 2.20 8.27
N PHE A 134 -4.50 2.60 9.42
CA PHE A 134 -5.86 3.11 9.46
C PHE A 134 -5.95 4.44 8.72
N MET A 135 -4.96 5.33 8.95
CA MET A 135 -4.83 6.63 8.32
C MET A 135 -3.73 6.60 7.28
N PRO A 136 -3.74 7.55 6.35
CA PRO A 136 -2.71 7.61 5.32
C PRO A 136 -1.51 8.42 5.77
N GLY A 137 -0.41 8.21 5.04
CA GLY A 137 0.74 9.10 5.13
C GLY A 137 0.47 10.45 4.48
N THR A 138 1.43 11.35 4.64
CA THR A 138 1.28 12.76 4.31
C THR A 138 2.50 13.27 3.56
N TYR A 139 2.26 13.93 2.42
CA TYR A 139 3.30 14.58 1.66
C TYR A 139 3.21 16.08 1.86
N GLN A 140 4.36 16.73 1.89
CA GLN A 140 4.44 18.18 1.84
C GLN A 140 4.70 18.56 0.40
N GLY A 141 3.76 19.26 -0.23
CA GLY A 141 3.84 19.54 -1.64
C GLY A 141 2.51 20.04 -2.17
N ALA A 142 2.30 19.85 -3.47
CA ALA A 142 1.04 20.30 -4.05
C ALA A 142 0.70 19.44 -5.27
N GLU A 143 -0.58 19.39 -5.59
CA GLU A 143 -1.04 18.69 -6.77
C GLU A 143 -2.04 19.59 -7.47
N ALA A 144 -1.96 19.63 -8.81
CA ALA A 144 -2.96 20.28 -9.65
C ALA A 144 -3.36 19.37 -10.80
N GLY A 145 -4.63 19.43 -11.21
CA GLY A 145 -5.14 18.56 -12.26
C GLY A 145 -6.38 19.16 -12.88
N ALA A 146 -6.87 18.48 -13.93
CA ALA A 146 -8.04 18.94 -14.67
C ALA A 146 -8.88 17.75 -15.08
N ASN A 147 -10.19 17.98 -15.23
CA ASN A 147 -11.12 16.97 -15.72
C ASN A 147 -11.86 17.55 -16.91
N PHE A 148 -11.82 16.85 -18.04
CA PHE A 148 -12.52 17.29 -19.25
C PHE A 148 -13.51 16.19 -19.66
N ASP A 149 -14.81 16.52 -19.59
CA ASP A 149 -15.84 15.56 -19.93
C ASP A 149 -16.30 15.77 -21.36
N TYR A 150 -16.22 14.70 -22.16
CA TYR A 150 -16.64 14.72 -23.56
C TYR A 150 -17.94 13.93 -23.76
N GLY A 151 -18.79 13.88 -22.73
CA GLY A 151 -20.02 13.13 -22.83
C GLY A 151 -19.73 11.69 -23.20
N ASP A 152 -20.51 11.17 -24.15
CA ASP A 152 -20.39 9.77 -24.58
C ASP A 152 -19.04 9.48 -25.20
N ALA A 153 -18.35 10.51 -25.70
CA ALA A 153 -17.00 10.33 -26.23
C ALA A 153 -16.02 9.84 -25.18
N GLY A 154 -16.31 10.06 -23.89
CA GLY A 154 -15.45 9.69 -22.79
C GLY A 154 -15.14 10.90 -21.94
N ALA A 155 -14.26 10.68 -20.96
CA ALA A 155 -13.82 11.74 -20.06
C ALA A 155 -12.33 11.59 -19.82
N LEU A 156 -11.63 12.71 -19.85
CA LEU A 156 -10.19 12.75 -19.63
C LEU A 156 -9.91 13.49 -18.34
N SER A 157 -8.95 12.98 -17.58
CA SER A 157 -8.42 13.66 -16.42
C SER A 157 -6.93 13.39 -16.33
N PHE A 158 -6.17 14.39 -15.91
CA PHE A 158 -4.74 14.29 -15.71
C PHE A 158 -4.38 15.16 -14.52
N SER A 159 -3.20 14.94 -13.96
CA SER A 159 -2.80 15.71 -12.80
C SER A 159 -1.29 15.63 -12.62
N TYR A 160 -0.76 16.59 -11.87
CA TYR A 160 0.65 16.69 -11.57
C TYR A 160 0.82 16.93 -10.07
N MET A 161 1.77 16.22 -9.47
CA MET A 161 2.07 16.38 -8.06
C MET A 161 3.58 16.50 -7.83
N TRP A 162 3.97 17.48 -7.03
CA TRP A 162 5.36 17.72 -6.64
C TRP A 162 5.46 17.68 -5.12
N THR A 163 6.52 17.07 -4.60
CA THR A 163 6.68 16.95 -3.15
C THR A 163 8.16 16.90 -2.75
N ASN A 164 8.49 17.44 -1.58
CA ASN A 164 9.86 17.38 -1.10
C ASN A 164 10.02 16.77 0.29
N GLU A 165 8.95 16.29 0.92
CA GLU A 165 9.04 15.68 2.24
C GLU A 165 7.83 14.78 2.42
N TYR A 166 7.99 13.76 3.28
CA TYR A 166 6.95 12.76 3.51
C TYR A 166 6.99 12.27 4.95
N LYS A 167 5.83 11.86 5.48
CA LYS A 167 5.81 11.08 6.71
C LYS A 167 4.79 9.95 6.58
N ALA A 168 5.22 8.72 6.89
CA ALA A 168 4.31 7.60 6.93
C ALA A 168 3.38 7.72 8.13
N PRO A 169 2.22 7.04 8.12
CA PRO A 169 1.30 7.23 9.25
C PRO A 169 1.90 6.81 10.58
N TRP A 170 3.02 6.08 10.59
CA TRP A 170 3.67 5.71 11.83
C TRP A 170 4.87 6.59 12.14
N HIS A 171 4.92 7.78 11.55
CA HIS A 171 6.00 8.72 11.88
C HIS A 171 5.41 10.07 12.24
N LEU A 172 5.88 10.58 13.38
CA LEU A 172 5.37 11.84 13.89
C LEU A 172 5.91 13.05 13.13
N GLU A 173 6.99 12.89 12.38
CA GLU A 173 7.58 14.04 11.69
C GLU A 173 7.85 13.68 10.23
N MET A 174 7.94 14.71 9.41
CA MET A 174 8.36 14.56 8.03
C MET A 174 9.87 14.36 7.93
N ASP A 175 10.30 13.76 6.83
CA ASP A 175 11.71 13.66 6.50
C ASP A 175 11.88 13.92 5.01
N GLU A 176 13.08 14.35 4.63
CA GLU A 176 13.39 14.63 3.24
C GLU A 176 13.60 13.29 2.53
N PHE A 177 14.02 13.32 1.26
CA PHE A 177 14.22 12.11 0.47
C PHE A 177 15.72 11.87 0.24
N TYR A 178 16.11 10.59 0.12
CA TYR A 178 17.51 10.19 0.04
C TYR A 178 17.61 8.97 -0.86
N GLN A 179 18.80 8.79 -1.44
CA GLN A 179 19.11 7.60 -2.21
C GLN A 179 19.20 6.41 -1.26
N ASN A 180 19.60 5.25 -1.78
CA ASN A 180 19.64 4.06 -0.94
C ASN A 180 20.67 4.17 0.20
N ASP A 181 21.66 5.07 0.09
CA ASP A 181 22.67 5.24 1.12
C ASP A 181 22.19 6.09 2.29
N LYS A 182 20.97 6.62 2.27
CA LYS A 182 20.43 7.47 3.32
C LYS A 182 21.20 8.78 3.48
N THR A 183 22.04 9.17 2.52
CA THR A 183 22.77 10.42 2.65
C THR A 183 22.83 11.25 1.37
N THR A 184 22.81 10.63 0.18
CA THR A 184 22.78 11.39 -1.06
C THR A 184 21.37 11.91 -1.27
N LYS A 185 21.25 13.23 -1.40
CA LYS A 185 19.96 13.90 -1.34
C LYS A 185 19.15 13.69 -2.61
N VAL A 186 17.85 13.42 -2.45
CA VAL A 186 16.88 13.45 -3.54
C VAL A 186 16.00 14.67 -3.31
N ASP A 187 16.14 15.68 -4.19
CA ASP A 187 15.59 17.00 -3.89
C ASP A 187 14.07 17.04 -3.90
N TYR A 188 13.42 16.21 -4.72
CA TYR A 188 11.96 16.16 -4.78
C TYR A 188 11.57 14.86 -5.45
N LEU A 189 10.29 14.51 -5.29
CA LEU A 189 9.61 13.51 -6.10
C LEU A 189 8.51 14.21 -6.86
N HIS A 190 8.33 13.87 -8.14
CA HIS A 190 7.16 14.40 -8.84
C HIS A 190 6.65 13.36 -9.82
N SER A 191 5.43 13.59 -10.29
CA SER A 191 4.73 12.61 -11.10
C SER A 191 3.60 13.28 -11.87
N PHE A 192 3.46 12.86 -13.13
CA PHE A 192 2.35 13.26 -13.98
C PHE A 192 1.67 11.99 -14.49
N GLY A 193 0.35 12.00 -14.52
CA GLY A 193 -0.41 10.85 -14.99
C GLY A 193 -1.74 11.30 -15.52
N ALA A 194 -2.49 10.37 -16.12
CA ALA A 194 -3.76 10.70 -16.76
C ALA A 194 -4.62 9.46 -16.84
N LYS A 195 -5.89 9.68 -17.17
CA LYS A 195 -6.87 8.61 -17.22
C LYS A 195 -7.88 8.91 -18.31
N TYR A 196 -8.16 7.92 -19.16
CA TYR A 196 -9.24 8.06 -20.12
C TYR A 196 -10.32 7.01 -19.87
N ASP A 197 -11.53 7.48 -19.59
CA ASP A 197 -12.72 6.67 -19.41
C ASP A 197 -13.54 6.77 -20.69
N PHE A 198 -13.58 5.68 -21.48
CA PHE A 198 -14.30 5.67 -22.76
C PHE A 198 -15.81 5.55 -22.61
N LYS A 199 -16.30 5.37 -21.37
CA LYS A 199 -17.72 5.30 -21.03
C LYS A 199 -18.37 4.03 -21.57
N ASN A 200 -17.58 3.12 -22.13
CA ASN A 200 -18.01 1.79 -22.55
C ASN A 200 -17.45 0.70 -21.66
N ASN A 201 -17.08 1.03 -20.42
CA ASN A 201 -16.43 0.13 -19.46
C ASN A 201 -14.99 -0.20 -19.81
N PHE A 202 -14.39 0.53 -20.74
CA PHE A 202 -12.96 0.46 -21.02
C PHE A 202 -12.29 1.72 -20.48
N VAL A 203 -11.32 1.55 -19.58
CA VAL A 203 -10.61 2.69 -19.01
C VAL A 203 -9.11 2.48 -19.17
N LEU A 204 -8.42 3.54 -19.54
CA LEU A 204 -6.98 3.57 -19.67
C LEU A 204 -6.43 4.56 -18.66
N GLU A 205 -5.36 4.16 -17.96
CA GLU A 205 -4.65 5.02 -17.03
C GLU A 205 -3.15 4.76 -17.19
N ALA A 206 -2.35 5.83 -17.11
CA ALA A 206 -0.91 5.66 -17.08
C ALA A 206 -0.30 6.89 -16.41
N ALA A 207 0.97 6.77 -15.99
CA ALA A 207 1.64 7.89 -15.32
C ALA A 207 3.14 7.65 -15.30
N PHE A 208 3.88 8.77 -15.24
CA PHE A 208 5.32 8.77 -15.15
C PHE A 208 5.71 9.49 -13.86
N GLY A 209 6.72 8.95 -13.17
CA GLY A 209 7.23 9.58 -11.97
C GLY A 209 8.75 9.70 -12.01
N GLN A 210 9.27 10.45 -11.04
CA GLN A 210 10.71 10.58 -10.90
C GLN A 210 11.04 10.94 -9.46
N ALA A 211 12.15 10.39 -8.99
CA ALA A 211 12.86 10.90 -7.82
C ALA A 211 14.06 11.66 -8.37
N GLU A 212 14.16 12.94 -8.03
CA GLU A 212 15.17 13.80 -8.64
C GLU A 212 16.54 13.12 -8.67
N GLY A 213 17.10 13.02 -9.87
CA GLY A 213 18.45 12.53 -10.07
C GLY A 213 18.67 11.08 -9.75
N TYR A 214 17.60 10.33 -9.51
CA TYR A 214 17.78 8.97 -9.03
C TYR A 214 16.91 7.92 -9.73
N ILE A 215 15.60 8.08 -9.77
CA ILE A 215 14.74 7.01 -10.27
C ILE A 215 13.65 7.55 -11.20
N ASP A 216 13.35 6.78 -12.26
CA ASP A 216 12.26 7.03 -13.18
C ASP A 216 11.27 5.88 -13.00
N GLN A 217 10.00 6.19 -12.77
CA GLN A 217 8.97 5.22 -12.47
C GLN A 217 7.82 5.31 -13.47
N TYR A 218 7.22 4.16 -13.79
CA TYR A 218 6.20 4.07 -14.82
C TYR A 218 4.98 3.31 -14.33
N PHE A 219 3.79 3.72 -14.79
CA PHE A 219 2.56 3.03 -14.47
C PHE A 219 1.63 3.00 -15.69
N ALA A 220 0.97 1.85 -15.92
CA ALA A 220 -0.04 1.71 -16.97
C ALA A 220 -1.08 0.67 -16.57
N LYS A 221 -2.36 0.92 -16.90
CA LYS A 221 -3.42 -0.01 -16.54
C LYS A 221 -4.58 0.04 -17.56
N ALA A 222 -4.92 -1.12 -18.10
CA ALA A 222 -6.12 -1.29 -18.91
C ALA A 222 -7.16 -2.04 -18.08
N SER A 223 -8.37 -1.50 -18.05
CA SER A 223 -9.53 -2.05 -17.35
C SER A 223 -10.72 -2.28 -18.27
N TYR A 224 -11.41 -3.40 -18.05
CA TYR A 224 -12.61 -3.72 -18.81
C TYR A 224 -13.60 -4.49 -17.94
N LYS A 225 -14.87 -4.28 -18.24
CA LYS A 225 -16.01 -4.79 -17.47
C LYS A 225 -17.01 -5.30 -18.49
N PHE A 226 -17.27 -6.59 -18.51
CA PHE A 226 -18.39 -7.05 -19.32
C PHE A 226 -19.26 -7.98 -18.50
N ASP A 227 -20.51 -8.07 -18.91
CA ASP A 227 -21.49 -8.85 -18.19
C ASP A 227 -21.53 -10.29 -18.70
N ILE A 228 -21.43 -11.21 -17.77
CA ILE A 228 -21.65 -12.63 -18.00
C ILE A 228 -22.78 -13.03 -17.09
N ALA A 229 -23.82 -13.63 -17.66
CA ALA A 229 -24.97 -14.04 -16.85
C ALA A 229 -25.52 -12.87 -16.04
N GLY A 230 -25.54 -11.69 -16.66
CA GLY A 230 -26.08 -10.51 -16.02
C GLY A 230 -25.25 -9.90 -14.91
N SER A 231 -24.06 -10.46 -14.62
CA SER A 231 -23.18 -9.98 -13.56
C SER A 231 -21.84 -9.57 -14.13
N PRO A 232 -21.25 -8.49 -13.62
CA PRO A 232 -20.00 -7.97 -14.20
C PRO A 232 -18.83 -8.89 -13.88
N LEU A 233 -18.09 -9.25 -14.91
CA LEU A 233 -16.76 -9.82 -14.73
C LEU A 233 -15.74 -8.73 -15.06
N THR A 234 -14.99 -8.30 -14.05
CA THR A 234 -14.05 -7.19 -14.19
C THR A 234 -12.65 -7.74 -14.48
N THR A 235 -11.95 -7.07 -15.39
CA THR A 235 -10.63 -7.53 -15.81
C THR A 235 -9.67 -6.37 -16.00
N SER A 236 -8.39 -6.62 -15.79
CA SER A 236 -7.43 -5.55 -16.02
C SER A 236 -6.03 -6.13 -16.18
N TYR A 237 -5.23 -5.43 -16.98
CA TYR A 237 -3.80 -5.66 -17.05
C TYR A 237 -3.09 -4.42 -16.54
N GLN A 238 -2.13 -4.61 -15.64
CA GLN A 238 -1.40 -3.50 -15.05
C GLN A 238 0.08 -3.70 -15.30
N PHE A 239 0.78 -2.60 -15.57
CA PHE A 239 2.22 -2.56 -15.77
C PHE A 239 2.85 -1.55 -14.82
N TYR A 240 3.83 -2.01 -14.04
CA TYR A 240 4.61 -1.15 -13.16
C TYR A 240 6.09 -1.33 -13.47
N GLY A 241 6.78 -0.23 -13.79
CA GLY A 241 8.19 -0.29 -14.07
C GLY A 241 8.97 0.76 -13.31
N THR A 242 10.29 0.57 -13.31
CA THR A 242 11.17 1.48 -12.59
C THR A 242 12.58 1.32 -13.14
N ARG A 243 13.33 2.41 -13.11
CA ARG A 243 14.69 2.51 -13.63
C ARG A 243 15.46 3.43 -12.69
N ASP A 244 16.78 3.23 -12.57
CA ASP A 244 17.53 4.20 -11.79
C ASP A 244 18.58 4.86 -12.68
N LYS A 245 19.28 5.85 -12.13
CA LYS A 245 20.31 6.59 -12.85
C LYS A 245 21.68 6.39 -12.23
N VAL A 246 21.94 5.21 -11.67
CA VAL A 246 23.16 4.94 -10.92
C VAL A 246 23.57 3.50 -11.18
N ASP A 247 24.38 3.28 -12.21
CA ASP A 247 24.81 1.94 -12.63
C ASP A 247 26.27 1.68 -12.34
N ASP A 248 26.80 2.16 -11.21
CA ASP A 248 28.24 2.10 -10.93
C ASP A 248 28.60 1.08 -9.86
N ARG A 249 27.70 0.11 -9.59
CA ARG A 249 27.91 -1.01 -8.67
C ARG A 249 28.10 -0.58 -7.22
N SER A 250 27.78 0.68 -6.89
CA SER A 250 27.80 1.18 -5.53
C SER A 250 26.51 0.84 -4.76
N VAL A 251 26.48 1.28 -3.49
CA VAL A 251 25.35 0.94 -2.62
C VAL A 251 24.05 1.49 -3.21
N ASN A 252 24.15 2.52 -4.03
CA ASN A 252 22.94 3.14 -4.54
C ASN A 252 22.43 2.50 -5.80
N ASP A 253 23.17 1.56 -6.39
CA ASP A 253 22.73 0.95 -7.63
C ASP A 253 21.77 -0.21 -7.35
N LEU A 254 20.49 -0.01 -7.66
CA LEU A 254 19.46 -0.97 -7.26
C LEU A 254 19.12 -1.96 -8.38
N TYR A 255 18.97 -1.48 -9.61
CA TYR A 255 18.44 -2.25 -10.73
C TYR A 255 19.40 -2.24 -11.91
N ASP A 256 19.57 -3.40 -12.55
CA ASP A 256 20.18 -3.46 -13.87
C ASP A 256 19.06 -3.43 -14.92
N GLY A 257 19.06 -2.40 -15.77
CA GLY A 257 18.02 -2.28 -16.77
C GLY A 257 16.68 -2.00 -16.13
N THR A 258 15.62 -1.87 -16.90
CA THR A 258 14.32 -1.58 -16.31
C THR A 258 13.83 -2.76 -15.47
N ALA A 259 13.29 -2.44 -14.30
CA ALA A 259 12.63 -3.42 -13.44
C ALA A 259 11.12 -3.24 -13.54
N TRP A 260 10.37 -4.34 -13.50
CA TRP A 260 8.93 -4.19 -13.67
C TRP A 260 8.17 -5.33 -13.00
N LEU A 261 6.92 -5.02 -12.67
CA LEU A 261 5.92 -5.99 -12.22
C LEU A 261 4.71 -5.90 -13.14
N GLN A 262 4.31 -7.03 -13.70
CA GLN A 262 3.13 -7.10 -14.54
C GLN A 262 2.06 -7.96 -13.89
N ALA A 263 0.81 -7.51 -13.95
CA ALA A 263 -0.28 -8.20 -13.28
C ALA A 263 -1.47 -8.35 -14.22
N LEU A 264 -2.19 -9.45 -14.01
CA LEU A 264 -3.46 -9.75 -14.67
C LEU A 264 -4.50 -9.95 -13.58
N THR A 265 -5.71 -9.43 -13.80
CA THR A 265 -6.76 -9.38 -12.78
C THR A 265 -8.10 -9.85 -13.33
N PHE A 266 -8.78 -10.74 -12.58
CA PHE A 266 -10.13 -11.21 -12.91
C PHE A 266 -10.98 -11.26 -11.65
N GLY A 267 -12.13 -10.60 -11.70
CA GLY A 267 -13.03 -10.61 -10.57
C GLY A 267 -14.46 -10.85 -10.99
N TYR A 268 -15.22 -11.53 -10.15
CA TYR A 268 -16.58 -11.88 -10.53
C TYR A 268 -17.35 -12.31 -9.28
N ARG A 269 -18.58 -11.82 -9.18
CA ARG A 269 -19.46 -12.16 -8.07
C ARG A 269 -20.43 -13.22 -8.54
N ALA A 270 -20.30 -14.43 -7.99
CA ALA A 270 -21.13 -15.55 -8.38
C ALA A 270 -22.35 -15.61 -7.48
N ALA A 271 -23.51 -15.90 -8.10
CA ALA A 271 -24.79 -16.06 -7.41
C ALA A 271 -25.10 -14.89 -6.48
N ASP A 272 -24.62 -13.69 -6.82
CA ASP A 272 -24.84 -12.49 -6.01
C ASP A 272 -24.53 -12.70 -4.54
N VAL A 273 -23.57 -13.59 -4.23
CA VAL A 273 -23.34 -13.97 -2.85
C VAL A 273 -21.88 -14.37 -2.55
N VAL A 274 -21.05 -14.57 -3.58
CA VAL A 274 -19.64 -14.88 -3.36
C VAL A 274 -18.77 -14.01 -4.26
N ASP A 275 -17.93 -13.17 -3.65
CA ASP A 275 -16.95 -12.38 -4.40
C ASP A 275 -15.75 -13.25 -4.73
N LEU A 276 -15.38 -13.27 -6.02
CA LEU A 276 -14.40 -14.22 -6.56
C LEU A 276 -13.21 -13.48 -7.17
N ARG A 277 -12.01 -13.86 -6.75
CA ARG A 277 -10.81 -13.19 -7.22
C ARG A 277 -9.81 -14.21 -7.75
N LEU A 278 -9.33 -13.95 -8.97
CA LEU A 278 -8.22 -14.69 -9.57
C LEU A 278 -7.23 -13.69 -10.16
N GLU A 279 -6.00 -13.69 -9.62
CA GLU A 279 -5.00 -12.69 -9.96
C GLU A 279 -3.61 -13.32 -10.05
N GLY A 280 -2.79 -12.77 -10.93
CA GLY A 280 -1.41 -13.21 -11.04
C GLY A 280 -0.45 -12.07 -11.36
N THR A 281 0.79 -12.22 -10.90
CA THR A 281 1.83 -11.24 -11.10
C THR A 281 3.10 -11.89 -11.64
N TRP A 282 3.89 -11.11 -12.39
CA TRP A 282 5.13 -11.50 -13.04
C TRP A 282 6.13 -10.37 -12.88
N VAL A 283 7.30 -10.65 -12.30
CA VAL A 283 8.26 -9.63 -11.85
C VAL A 283 9.62 -9.85 -12.48
N LYS A 284 10.23 -8.77 -12.95
CA LYS A 284 11.63 -8.74 -13.37
C LYS A 284 12.37 -7.68 -12.58
N ALA A 285 13.43 -8.09 -11.87
CA ALA A 285 14.22 -7.17 -11.05
C ALA A 285 15.69 -7.64 -11.03
N ASP A 286 16.37 -7.56 -12.17
CA ASP A 286 17.81 -7.79 -12.17
C ASP A 286 18.51 -6.64 -11.49
N GLY A 287 19.66 -6.95 -10.86
CA GLY A 287 20.51 -5.97 -10.23
C GLY A 287 20.76 -6.33 -8.77
N GLN A 288 21.14 -5.30 -8.01
CA GLN A 288 21.59 -5.48 -6.64
C GLN A 288 20.43 -5.67 -5.66
N GLN A 289 19.31 -4.98 -5.88
CA GLN A 289 18.19 -5.13 -4.95
C GLN A 289 17.57 -6.52 -5.06
N GLY A 290 17.17 -6.89 -6.28
CA GLY A 290 16.60 -8.20 -6.53
C GLY A 290 15.11 -8.33 -6.32
N TYR A 291 14.42 -7.22 -6.08
CA TYR A 291 12.96 -7.23 -5.93
C TYR A 291 12.43 -5.90 -6.45
N PHE A 292 11.17 -5.91 -6.86
CA PHE A 292 10.57 -4.71 -7.40
C PHE A 292 10.03 -3.83 -6.28
N LEU A 293 10.07 -2.52 -6.50
CA LEU A 293 9.48 -1.56 -5.57
C LEU A 293 8.58 -0.61 -6.35
N GLN A 294 7.35 -0.45 -5.91
CA GLN A 294 6.47 0.50 -6.57
C GLN A 294 6.74 1.95 -6.13
N ARG A 295 7.57 2.15 -5.11
CA ARG A 295 7.91 3.48 -4.60
C ARG A 295 9.24 3.93 -5.20
N MET A 296 9.41 5.24 -5.31
CA MET A 296 10.60 5.78 -5.97
C MET A 296 11.72 6.10 -5.00
N THR A 297 11.58 5.79 -3.72
CA THR A 297 12.74 5.88 -2.84
C THR A 297 12.91 4.53 -2.16
N PRO A 298 14.13 4.00 -2.09
CA PRO A 298 14.28 2.59 -1.68
C PRO A 298 14.12 2.36 -0.19
N THR A 299 14.44 3.34 0.66
CA THR A 299 14.42 3.10 2.10
C THR A 299 13.01 2.82 2.59
N TYR A 300 12.91 1.88 3.53
CA TYR A 300 11.65 1.58 4.17
C TYR A 300 11.00 2.87 4.69
N ALA A 301 9.71 3.03 4.40
CA ALA A 301 8.84 4.08 4.89
C ALA A 301 9.13 5.47 4.31
N SER A 302 10.03 5.61 3.32
CA SER A 302 10.48 6.95 2.94
C SER A 302 9.51 7.61 1.96
N SER A 303 8.74 6.81 1.23
CA SER A 303 7.69 7.28 0.35
C SER A 303 6.90 6.04 -0.06
N ASN A 304 5.94 6.24 -0.96
CA ASN A 304 5.19 5.12 -1.49
C ASN A 304 4.68 5.46 -2.88
N GLY A 305 4.33 4.40 -3.62
CA GLY A 305 3.78 4.56 -4.96
C GLY A 305 2.51 3.73 -5.11
N ARG A 306 1.79 4.02 -6.20
CA ARG A 306 0.53 3.34 -6.46
C ARG A 306 0.81 1.88 -6.81
N LEU A 307 0.05 0.98 -6.19
CA LEU A 307 0.07 -0.44 -6.54
C LEU A 307 -1.34 -0.97 -6.32
N ASP A 308 -2.05 -1.31 -7.40
CA ASP A 308 -3.41 -1.81 -7.35
C ASP A 308 -3.51 -3.30 -7.03
N ILE A 309 -2.42 -3.95 -6.63
CA ILE A 309 -2.40 -5.38 -6.33
C ILE A 309 -2.14 -5.55 -4.83
N TRP A 310 -3.07 -6.18 -4.13
CA TRP A 310 -2.93 -6.40 -2.69
C TRP A 310 -3.66 -7.69 -2.34
N TRP A 311 -2.91 -8.69 -1.85
CA TRP A 311 -3.47 -9.99 -1.53
C TRP A 311 -3.53 -10.31 -0.03
N ASP A 312 -2.99 -9.43 0.83
CA ASP A 312 -3.04 -9.59 2.28
C ASP A 312 -2.56 -10.97 2.72
N ASN A 313 -1.55 -11.51 2.05
CA ASN A 313 -0.96 -12.78 2.46
C ASN A 313 0.53 -12.60 2.80
N ARG A 314 0.83 -11.53 3.54
CA ARG A 314 2.11 -11.34 4.19
C ARG A 314 3.24 -11.05 3.20
N SER A 315 3.57 -12.00 2.31
CA SER A 315 4.66 -11.78 1.37
C SER A 315 4.27 -10.69 0.38
N ASP A 316 5.29 -10.02 -0.18
CA ASP A 316 5.08 -9.13 -1.32
C ASP A 316 5.08 -9.89 -2.65
N PHE A 317 5.67 -11.09 -2.70
CA PHE A 317 5.78 -11.86 -3.93
C PHE A 317 6.33 -11.00 -5.07
N ASN A 318 7.41 -10.25 -4.79
CA ASN A 318 7.97 -9.30 -5.76
C ASN A 318 9.46 -9.55 -6.03
N ALA A 319 9.90 -10.81 -5.92
CA ALA A 319 11.28 -11.19 -6.15
C ALA A 319 11.58 -11.27 -7.66
N ASN A 320 12.89 -11.37 -7.96
CA ASN A 320 13.41 -11.05 -9.28
C ASN A 320 12.78 -11.88 -10.39
N GLY A 321 12.65 -13.18 -10.20
CA GLY A 321 11.99 -13.84 -11.31
C GLY A 321 10.54 -14.19 -11.07
N GLU A 322 9.99 -13.73 -9.96
CA GLU A 322 8.84 -14.42 -9.40
C GLU A 322 7.63 -14.36 -10.31
N LYS A 323 6.91 -15.47 -10.35
CA LYS A 323 5.56 -15.54 -10.88
C LYS A 323 4.66 -16.01 -9.75
N ALA A 324 3.45 -15.47 -9.67
CA ALA A 324 2.58 -15.79 -8.55
C ALA A 324 1.12 -15.79 -8.97
N VAL A 325 0.34 -16.60 -8.28
CA VAL A 325 -1.09 -16.72 -8.54
C VAL A 325 -1.83 -16.72 -7.21
N PHE A 326 -3.00 -16.09 -7.23
CA PHE A 326 -3.82 -15.84 -6.06
C PHE A 326 -5.26 -16.11 -6.44
N PHE A 327 -5.96 -16.80 -5.54
CA PHE A 327 -7.40 -17.01 -5.63
C PHE A 327 -7.99 -16.70 -4.27
N GLY A 328 -9.05 -15.91 -4.27
CA GLY A 328 -9.76 -15.59 -3.05
C GLY A 328 -11.25 -15.61 -3.28
N ALA A 329 -11.98 -15.98 -2.22
CA ALA A 329 -13.43 -16.13 -2.23
C ALA A 329 -14.00 -15.49 -0.97
N MET A 330 -14.90 -14.53 -1.15
CA MET A 330 -15.56 -13.81 -0.04
C MET A 330 -17.05 -14.12 -0.10
N TYR A 331 -17.54 -14.83 0.90
CA TYR A 331 -18.88 -15.42 0.87
C TYR A 331 -19.81 -14.59 1.75
N ASP A 332 -20.76 -13.91 1.10
CA ASP A 332 -21.73 -13.07 1.81
C ASP A 332 -22.82 -13.96 2.40
N LEU A 333 -22.93 -13.95 3.74
CA LEU A 333 -23.82 -14.84 4.47
C LEU A 333 -25.25 -14.29 4.59
N LYS A 334 -25.70 -13.47 3.65
CA LYS A 334 -26.99 -12.80 3.78
C LYS A 334 -28.16 -13.77 3.64
N ASN A 335 -28.00 -14.85 2.86
CA ASN A 335 -29.07 -15.83 2.69
C ASN A 335 -29.17 -16.83 3.83
N TRP A 336 -28.19 -16.92 4.71
CA TRP A 336 -28.42 -17.60 5.98
C TRP A 336 -29.07 -16.68 6.97
N ASN A 337 -29.57 -15.55 6.49
CA ASN A 337 -30.24 -14.57 7.31
C ASN A 337 -29.27 -13.96 8.32
N LEU A 338 -28.01 -13.84 7.91
CA LEU A 338 -26.96 -13.21 8.69
C LEU A 338 -26.36 -12.07 7.86
N PRO A 339 -27.16 -11.08 7.48
CA PRO A 339 -26.65 -10.02 6.61
C PRO A 339 -25.56 -9.24 7.34
N GLY A 340 -24.51 -8.89 6.60
CA GLY A 340 -23.40 -8.19 7.19
C GLY A 340 -22.31 -9.07 7.73
N PHE A 341 -22.55 -10.37 7.88
CA PHE A 341 -21.50 -11.35 8.13
C PHE A 341 -20.95 -11.83 6.79
N ALA A 342 -19.62 -11.88 6.70
CA ALA A 342 -18.95 -12.47 5.56
C ALA A 342 -17.81 -13.34 6.05
N ILE A 343 -17.51 -14.37 5.28
CA ILE A 343 -16.36 -15.22 5.54
C ILE A 343 -15.65 -15.46 4.22
N GLY A 344 -14.34 -15.65 4.31
CA GLY A 344 -13.55 -15.80 3.10
C GLY A 344 -12.28 -16.58 3.37
N ALA A 345 -11.71 -17.08 2.28
CA ALA A 345 -10.40 -17.72 2.30
C ALA A 345 -9.69 -17.37 1.00
N SER A 346 -8.37 -17.32 1.02
CA SER A 346 -7.60 -17.00 -0.18
C SER A 346 -6.31 -17.81 -0.17
N TYR A 347 -5.70 -17.92 -1.34
CA TYR A 347 -4.53 -18.77 -1.43
C TYR A 347 -3.59 -18.26 -2.50
N VAL A 348 -2.30 -18.30 -2.20
CA VAL A 348 -1.26 -17.83 -3.10
C VAL A 348 -0.21 -18.93 -3.30
N TYR A 349 0.20 -19.14 -4.54
CA TYR A 349 1.35 -19.97 -4.85
C TYR A 349 2.25 -19.21 -5.81
N ALA A 350 3.56 -19.15 -5.49
CA ALA A 350 4.54 -18.39 -6.26
C ALA A 350 5.80 -19.22 -6.50
N TRP A 351 6.35 -19.13 -7.71
CA TRP A 351 7.49 -19.94 -8.15
C TRP A 351 8.42 -19.10 -9.01
N ASP A 352 9.61 -19.63 -9.29
CA ASP A 352 10.57 -19.00 -10.19
C ASP A 352 11.20 -17.75 -9.59
N ALA A 353 11.25 -17.69 -8.27
CA ALA A 353 11.75 -16.51 -7.56
C ALA A 353 13.27 -16.49 -7.59
N LYS A 354 13.86 -15.54 -8.32
CA LYS A 354 15.31 -15.47 -8.35
C LYS A 354 15.85 -14.46 -7.32
N PRO A 355 17.17 -14.57 -6.94
CA PRO A 355 17.77 -13.57 -6.05
C PRO A 355 18.38 -12.40 -6.82
N ALA A 356 19.04 -11.48 -6.12
CA ALA A 356 19.74 -10.40 -6.81
C ALA A 356 20.76 -11.01 -7.78
N THR A 357 21.05 -10.29 -8.85
CA THR A 357 21.99 -10.83 -9.82
C THR A 357 23.44 -10.63 -9.37
N TRP A 358 23.71 -9.71 -8.45
CA TRP A 358 25.03 -9.61 -7.87
C TRP A 358 24.90 -9.11 -6.44
N GLN A 359 25.97 -9.32 -5.67
CA GLN A 359 26.03 -8.99 -4.26
C GLN A 359 27.44 -8.50 -3.96
N SER A 360 27.54 -7.38 -3.24
CA SER A 360 28.83 -6.90 -2.77
C SER A 360 29.29 -7.66 -1.54
N ASN A 361 28.36 -8.08 -0.68
CA ASN A 361 28.73 -8.79 0.56
C ASN A 361 27.97 -10.11 0.69
N PRO A 362 28.03 -10.96 -0.34
CA PRO A 362 27.19 -12.17 -0.33
C PRO A 362 27.29 -12.92 1.00
N ASP A 363 26.26 -13.69 1.30
CA ASP A 363 26.26 -14.51 2.50
C ASP A 363 26.44 -15.97 2.12
N ALA A 364 26.42 -16.83 3.14
CA ALA A 364 26.65 -18.26 2.91
C ALA A 364 25.64 -18.86 1.95
N TYR A 365 24.43 -18.30 1.90
CA TYR A 365 23.36 -18.88 1.10
C TYR A 365 23.29 -18.31 -0.31
N TYR A 366 24.15 -17.36 -0.66
CA TYR A 366 23.96 -16.64 -1.92
C TYR A 366 24.32 -17.55 -3.10
N ASP A 367 23.31 -17.93 -3.88
CA ASP A 367 23.51 -18.72 -5.11
C ASP A 367 22.76 -18.03 -6.25
N LYS A 368 23.51 -17.41 -7.16
CA LYS A 368 22.89 -16.56 -8.16
C LYS A 368 21.86 -17.31 -9.03
N ASN A 369 22.09 -18.59 -9.31
CA ASN A 369 21.18 -19.31 -10.20
C ASN A 369 20.03 -20.01 -9.47
N ARG A 370 19.97 -19.91 -8.16
CA ARG A 370 18.89 -20.54 -7.42
C ARG A 370 17.52 -19.95 -7.76
N THR A 371 16.49 -20.79 -7.66
CA THR A 371 15.09 -20.36 -7.65
C THR A 371 14.37 -21.06 -6.51
N ILE A 372 13.46 -20.34 -5.87
CA ILE A 372 12.66 -20.85 -4.76
C ILE A 372 11.21 -20.52 -5.01
N GLU A 373 10.33 -21.05 -4.15
CA GLU A 373 8.88 -20.91 -4.28
C GLU A 373 8.36 -20.33 -2.99
N GLU A 374 7.27 -19.56 -3.05
CA GLU A 374 6.60 -19.14 -1.83
C GLU A 374 5.12 -19.47 -2.00
N SER A 375 4.45 -19.74 -0.88
CA SER A 375 3.02 -19.99 -0.89
C SER A 375 2.42 -19.50 0.42
N ALA A 376 1.09 -19.40 0.44
CA ALA A 376 0.36 -18.92 1.60
C ALA A 376 -1.12 -19.11 1.37
N TYR A 377 -1.87 -19.17 2.49
CA TYR A 377 -3.32 -19.16 2.50
C TYR A 377 -3.80 -18.35 3.69
N SER A 378 -5.00 -17.79 3.58
CA SER A 378 -5.60 -17.08 4.70
C SER A 378 -7.11 -17.28 4.75
N LEU A 379 -7.64 -17.10 5.96
CA LEU A 379 -9.05 -17.17 6.28
C LEU A 379 -9.52 -15.80 6.74
N ASP A 380 -10.78 -15.48 6.48
CA ASP A 380 -11.27 -14.13 6.71
C ASP A 380 -12.67 -14.22 7.30
N ALA A 381 -12.93 -13.46 8.36
CA ALA A 381 -14.28 -13.34 8.92
C ALA A 381 -14.58 -11.87 9.16
N VAL A 382 -15.71 -11.39 8.62
CA VAL A 382 -16.05 -9.97 8.72
C VAL A 382 -17.49 -9.79 9.18
N TYR A 383 -17.71 -8.79 10.03
CA TYR A 383 -19.07 -8.42 10.42
C TYR A 383 -19.19 -6.91 10.49
N THR A 384 -20.13 -6.36 9.72
CA THR A 384 -20.49 -4.95 9.79
C THR A 384 -21.85 -4.79 10.45
N ILE A 385 -21.95 -3.84 11.38
CA ILE A 385 -23.20 -3.64 12.09
C ILE A 385 -24.23 -3.03 11.13
N GLN A 386 -25.36 -3.71 10.96
CA GLN A 386 -26.34 -3.34 9.94
C GLN A 386 -27.17 -2.14 10.35
N ASP A 387 -27.50 -2.02 11.63
CA ASP A 387 -28.33 -0.91 12.04
C ASP A 387 -28.15 -0.61 13.52
N GLY A 388 -28.76 0.49 13.94
CA GLY A 388 -28.77 0.89 15.34
C GLY A 388 -27.97 2.14 15.58
N ARG A 389 -27.56 2.32 16.84
CA ARG A 389 -26.66 3.43 17.19
C ARG A 389 -25.33 3.31 16.47
N ALA A 390 -24.82 2.09 16.32
CA ALA A 390 -23.48 1.85 15.81
C ALA A 390 -23.49 1.29 14.38
N LYS A 391 -24.53 1.59 13.61
CA LYS A 391 -24.58 1.16 12.23
C LYS A 391 -23.30 1.61 11.52
N GLY A 392 -22.67 0.67 10.80
CA GLY A 392 -21.43 0.92 10.09
C GLY A 392 -20.19 0.38 10.78
N THR A 393 -20.25 0.19 12.10
CA THR A 393 -19.13 -0.37 12.84
C THR A 393 -18.80 -1.77 12.33
N MET A 394 -17.52 -1.97 12.01
CA MET A 394 -17.07 -3.20 11.38
C MET A 394 -16.04 -3.88 12.26
N PHE A 395 -16.15 -5.21 12.36
CA PHE A 395 -15.22 -6.05 13.10
C PHE A 395 -14.58 -6.98 12.10
N LYS A 396 -13.29 -7.23 12.25
CA LYS A 396 -12.58 -7.97 11.23
C LYS A 396 -11.49 -8.84 11.88
N LEU A 397 -11.43 -10.10 11.44
CA LEU A 397 -10.48 -11.09 11.94
C LEU A 397 -9.84 -11.80 10.75
N HIS A 398 -8.51 -11.68 10.64
CA HIS A 398 -7.76 -12.19 9.51
C HIS A 398 -6.70 -13.15 10.04
N PHE A 399 -6.56 -14.30 9.40
CA PHE A 399 -5.51 -15.25 9.77
C PHE A 399 -4.71 -15.60 8.52
N THR A 400 -3.38 -15.61 8.67
CA THR A 400 -2.48 -15.96 7.57
C THR A 400 -1.43 -16.94 8.04
N GLU A 401 -1.20 -17.95 7.22
CA GLU A 401 -0.06 -18.84 7.34
C GLU A 401 0.73 -18.75 6.04
N TYR A 402 1.98 -18.35 6.16
CA TYR A 402 2.89 -18.17 5.03
C TYR A 402 4.03 -19.17 5.16
N ASP A 403 4.38 -19.84 4.06
CA ASP A 403 5.50 -20.79 4.05
C ASP A 403 6.51 -20.39 2.98
N ASN A 404 7.80 -20.36 3.37
CA ASN A 404 8.88 -19.89 2.50
C ASN A 404 9.24 -20.93 1.42
N HIS A 405 9.40 -22.20 1.78
CA HIS A 405 9.74 -23.24 0.81
C HIS A 405 11.23 -23.26 0.54
N SER A 406 12.00 -22.80 1.51
CA SER A 406 13.44 -22.82 1.37
C SER A 406 14.01 -22.66 2.77
N ASP A 407 15.24 -23.14 2.96
CA ASP A 407 15.86 -23.09 4.27
C ASP A 407 16.60 -21.79 4.53
N ILE A 408 16.73 -20.93 3.50
CA ILE A 408 17.37 -19.62 3.60
C ILE A 408 16.81 -18.80 4.75
N PRO A 409 17.62 -18.42 5.74
CA PRO A 409 17.11 -17.54 6.81
C PRO A 409 16.57 -16.21 6.27
N SER A 410 15.80 -15.52 7.12
CA SER A 410 15.07 -14.34 6.67
C SER A 410 16.02 -13.24 6.21
N TRP A 411 15.63 -12.59 5.11
CA TRP A 411 16.34 -11.50 4.44
C TRP A 411 17.68 -11.95 3.87
N GLY A 412 17.94 -13.27 3.81
CA GLY A 412 19.24 -13.77 3.43
C GLY A 412 19.27 -14.38 2.03
N GLY A 413 20.46 -14.86 1.68
CA GLY A 413 20.62 -15.62 0.44
C GLY A 413 20.44 -14.81 -0.81
N GLY A 414 20.58 -13.49 -0.73
CA GLY A 414 20.27 -12.60 -1.83
C GLY A 414 18.80 -12.32 -2.07
N TYR A 415 17.91 -12.71 -1.16
CA TYR A 415 16.48 -12.36 -1.24
C TYR A 415 16.20 -11.30 -0.15
N GLY A 416 16.39 -10.03 -0.50
CA GLY A 416 16.33 -8.99 0.52
C GLY A 416 14.94 -8.69 1.03
N ASN A 417 13.90 -9.09 0.29
CA ASN A 417 12.52 -8.80 0.65
C ASN A 417 11.73 -10.05 0.99
N ILE A 418 12.41 -11.15 1.35
CA ILE A 418 11.73 -12.40 1.69
C ILE A 418 12.11 -12.81 3.09
N PHE A 419 11.11 -13.13 3.90
CA PHE A 419 11.27 -13.56 5.28
C PHE A 419 10.89 -15.02 5.39
N GLN A 420 10.96 -15.57 6.60
CA GLN A 420 10.78 -17.00 6.77
C GLN A 420 9.30 -17.35 7.00
N ASP A 421 9.04 -18.64 7.23
CA ASP A 421 7.67 -19.12 7.44
C ASP A 421 7.00 -18.38 8.58
N GLU A 422 5.68 -18.23 8.49
CA GLU A 422 5.00 -17.31 9.38
C GLU A 422 3.53 -17.69 9.57
N ARG A 423 3.02 -17.34 10.75
CA ARG A 423 1.60 -17.44 11.11
C ARG A 423 1.23 -16.11 11.74
N ASP A 424 0.24 -15.44 11.17
CA ASP A 424 -0.16 -14.09 11.57
C ASP A 424 -1.65 -14.03 11.81
N VAL A 425 -2.04 -13.38 12.91
CA VAL A 425 -3.44 -13.18 13.25
C VAL A 425 -3.67 -11.71 13.58
N LYS A 426 -4.69 -11.11 12.94
CA LYS A 426 -5.05 -9.71 13.04
C LYS A 426 -6.53 -9.60 13.38
N PHE A 427 -6.87 -8.81 14.40
CA PHE A 427 -8.26 -8.48 14.74
C PHE A 427 -8.40 -6.97 14.84
N MET A 428 -9.27 -6.37 14.04
CA MET A 428 -9.46 -4.94 14.11
C MET A 428 -10.93 -4.60 14.23
N VAL A 429 -11.20 -3.47 14.89
CA VAL A 429 -12.52 -2.87 14.91
C VAL A 429 -12.40 -1.44 14.41
N ILE A 430 -13.36 -1.06 13.56
CA ILE A 430 -13.37 0.21 12.83
C ILE A 430 -14.75 0.82 13.03
N ALA A 431 -14.82 1.97 13.68
CA ALA A 431 -16.08 2.56 14.13
C ALA A 431 -16.19 4.01 13.68
N PRO A 432 -16.77 4.27 12.52
CA PRO A 432 -16.77 5.64 12.00
C PRO A 432 -17.80 6.52 12.72
N PHE A 433 -17.68 7.82 12.50
CA PHE A 433 -18.66 8.74 13.07
C PHE A 433 -18.65 10.06 12.31
N THR A 434 -19.80 10.74 12.35
CA THR A 434 -19.99 12.01 11.66
C THR A 434 -20.42 13.08 12.64
N ILE A 435 -19.68 14.18 12.68
CA ILE A 435 -20.06 15.34 13.50
C ILE A 435 -20.94 16.30 12.72
N PHE A 436 -20.58 16.62 11.48
CA PHE A 436 -21.41 17.51 10.67
C PHE A 436 -22.32 16.71 9.76
PT PT B . 8.82 -23.54 4.97
PT PT C . 21.55 0.63 -11.94
PT PT D . 20.56 2.51 -15.30
PT PT E . 5.87 1.43 23.85
C1B LMT F . 6.41 19.65 11.65
C2B LMT F . 6.97 18.79 10.49
C3B LMT F . 8.31 18.21 10.92
C4B LMT F . 9.28 19.29 11.44
C5B LMT F . 8.56 20.11 12.50
C6B LMT F . 9.51 21.23 12.97
O1B LMT F . 6.03 18.81 12.67
O2B LMT F . 6.12 17.74 10.28
O3B LMT F . 8.93 17.45 9.96
O4' LMT F . 10.45 18.72 11.97
O5B LMT F . 7.35 20.61 12.05
O6B LMT F . 9.12 21.66 14.17
C1' LMT F . 2.48 18.13 14.51
C2' LMT F . 2.72 17.37 13.15
C3' LMT F . 4.15 17.27 12.59
C4' LMT F . 4.63 18.70 12.84
C5' LMT F . 4.27 19.21 14.28
C6' LMT F . 5.11 20.37 14.70
O1' LMT F . 1.17 18.01 14.78
O2' LMT F . 2.11 16.15 13.24
O3' LMT F . 4.07 17.00 11.26
O5' LMT F . 2.89 19.46 14.32
O6' LMT F . 4.74 21.41 13.91
C1 LMT F . 0.83 18.45 16.06
C2 LMT F . -0.67 18.19 16.23
C3 LMT F . -1.62 19.16 15.58
C4 LMT F . -3.07 18.80 15.87
C5 LMT F . -3.96 20.01 16.05
C6 LMT F . -4.22 20.78 14.78
C7 LMT F . -5.05 22.01 15.07
H1B LMT F . 5.68 20.19 11.31
H2B LMT F . 7.07 19.38 9.73
H3B LMT F . 8.06 17.64 11.65
H4B LMT F . 9.46 19.90 10.71
H5B LMT F . 8.38 19.53 13.27
H6'2 LMT F . 9.53 21.92 12.29
H6'1 LMT F . 10.42 20.90 12.94
H2O1 LMT F . 5.96 17.72 9.45
H3O1 LMT F . 9.77 17.45 10.14
H4O1 LMT F . 11.09 18.93 11.45
H6B LMT F . 8.52 22.25 14.00
H1' LMT F . 3.03 17.81 15.24
H2' LMT F . 2.35 17.99 12.49
H3' LMT F . 4.72 16.61 13.02
H4' LMT F . 4.09 19.21 12.21
H5' LMT F . 4.48 18.52 14.93
H6D LMT F . 4.99 20.53 15.65
H6E LMT F . 6.04 20.14 14.65
H2O2 LMT F . 1.64 16.07 12.55
H3O2 LMT F . 3.82 17.73 10.90
H6' LMT F . 4.01 21.18 13.56
H12 LMT F . 1.06 19.39 16.16
H11 LMT F . 1.37 18.01 16.73
H22 LMT F . -0.86 18.17 17.18
H21 LMT F . -0.86 17.29 15.91
H32 LMT F . -1.49 19.17 14.61
H31 LMT F . -1.46 20.06 15.87
H42 LMT F . -3.11 18.25 16.67
H41 LMT F . -3.41 18.24 15.16
H52 LMT F . -3.55 20.60 16.70
H51 LMT F . -4.79 19.73 16.44
H62 LMT F . -4.67 20.22 14.13
H61 LMT F . -3.39 21.03 14.35
#